data_5LHF
#
_entry.id   5LHF
#
_cell.length_a   29.678
_cell.length_b   47.144
_cell.length_c   88.518
_cell.angle_alpha   102.61
_cell.angle_beta   93.88
_cell.angle_gamma   108.34
#
_symmetry.space_group_name_H-M   'P 1'
#
loop_
_entity.id
_entity.type
_entity.pdbx_description
1 polymer "N-(5'-phosphoribosyl)anthranilate isomerase"
2 non-polymer 'CHLORIDE ION'
3 non-polymer 'SODIUM ION'
4 water water
#
_entity_poly.entity_id   1
_entity_poly.type   'polypeptide(L)'
_entity_poly.pdbx_seq_one_letter_code
;HMVEFVKICGVKTMDELRLVERYADATGVVVNSRSKRKVPLKTAAELIEMAEIPIYLVSTMKTFPEWANAVEKTGAEYIQ
VHSDMHPKAVNRLKDEYGVSVMKAFMVPRESDDPAEDAERLLELIGQYEVDKILLDTGVGSGRRHDYRVSAIIAKEYPIV
LAGGLTPENVGEAIRWVKPAGVDVSSGVERNGVKDRVLIEAFMAVVRNG
;
_entity_poly.pdbx_strand_id   A,B
#
loop_
_chem_comp.id
_chem_comp.type
_chem_comp.name
_chem_comp.formula
CL non-polymer 'CHLORIDE ION' 'Cl -1'
NA non-polymer 'SODIUM ION' 'Na 1'
#
# COMPACT_ATOMS: atom_id res chain seq x y z
N MET A 2 34.58 -2.34 -9.26
CA MET A 2 33.37 -1.57 -9.57
C MET A 2 32.19 -2.04 -8.70
N VAL A 3 31.70 -1.12 -7.88
CA VAL A 3 30.49 -1.35 -7.10
C VAL A 3 29.29 -1.03 -7.96
N GLU A 4 28.32 -1.93 -8.00
CA GLU A 4 27.18 -1.73 -8.89
C GLU A 4 25.94 -1.19 -8.20
N PHE A 5 25.89 -1.24 -6.88
CA PHE A 5 24.67 -0.93 -6.14
C PHE A 5 25.01 0.00 -5.00
N VAL A 6 24.32 1.13 -4.92
CA VAL A 6 24.49 2.07 -3.81
C VAL A 6 23.14 2.34 -3.18
N LYS A 7 23.05 2.14 -1.87
CA LYS A 7 21.81 2.37 -1.14
C LYS A 7 22.09 3.43 -0.09
N ILE A 8 21.26 4.47 -0.03
CA ILE A 8 21.34 5.48 1.02
C ILE A 8 20.12 5.28 1.91
N CYS A 9 20.36 4.87 3.14
CA CYS A 9 19.29 4.38 4.00
C CYS A 9 18.84 5.50 4.95
N GLY A 10 17.61 5.36 5.45
CA GLY A 10 17.14 6.20 6.53
C GLY A 10 16.54 7.54 6.14
N VAL A 11 15.81 7.62 5.04
CA VAL A 11 15.16 8.88 4.70
C VAL A 11 13.94 9.06 5.58
N LYS A 12 13.75 10.28 6.07
CA LYS A 12 12.63 10.62 6.95
C LYS A 12 11.64 11.57 6.32
N THR A 13 12.01 12.27 5.25
CA THR A 13 11.13 13.26 4.65
C THR A 13 11.12 13.14 3.14
N MET A 14 10.12 13.80 2.54
CA MET A 14 10.07 13.90 1.09
C MET A 14 11.31 14.60 0.54
N ASP A 15 11.80 15.60 1.27
CA ASP A 15 12.99 16.31 0.81
C ASP A 15 14.20 15.40 0.77
N GLU A 16 14.40 14.60 1.82
CA GLU A 16 15.52 13.66 1.84
C GLU A 16 15.36 12.59 0.76
N LEU A 17 14.14 12.08 0.57
CA LEU A 17 13.89 11.10 -0.48
C LEU A 17 14.27 11.64 -1.85
N ARG A 18 13.71 12.79 -2.24
CA ARG A 18 13.99 13.33 -3.57
C ARG A 18 15.48 13.58 -3.78
N LEU A 19 16.20 13.99 -2.73
CA LEU A 19 17.65 14.19 -2.85
C LEU A 19 18.35 12.88 -3.13
N VAL A 20 18.10 11.86 -2.30
CA VAL A 20 18.73 10.55 -2.46
C VAL A 20 18.43 9.96 -3.84
N GLU A 21 17.23 10.23 -4.38
CA GLU A 21 16.83 9.61 -5.65
C GLU A 21 17.68 10.09 -6.82
N ARG A 22 18.38 11.21 -6.67
CA ARG A 22 19.24 11.69 -7.75
C ARG A 22 20.55 10.93 -7.83
N TYR A 23 20.86 10.10 -6.83
CA TYR A 23 22.15 9.45 -6.72
C TYR A 23 22.09 7.95 -6.50
N ALA A 24 21.18 7.46 -5.66
CA ALA A 24 21.27 6.09 -5.17
C ALA A 24 20.47 5.13 -6.05
N ASP A 25 20.90 3.87 -6.07
CA ASP A 25 20.08 2.84 -6.70
C ASP A 25 18.89 2.42 -5.85
N ALA A 26 18.94 2.66 -4.54
CA ALA A 26 17.89 2.26 -3.62
C ALA A 26 17.99 3.12 -2.37
N THR A 27 16.89 3.19 -1.64
CA THR A 27 16.89 3.87 -0.35
C THR A 27 16.11 3.01 0.63
N GLY A 28 15.89 3.54 1.83
CA GLY A 28 15.24 2.78 2.88
C GLY A 28 14.59 3.72 3.87
N VAL A 29 13.47 3.26 4.45
CA VAL A 29 12.78 4.02 5.50
C VAL A 29 12.62 3.10 6.71
N VAL A 30 12.98 3.61 7.89
CA VAL A 30 13.09 2.78 9.09
C VAL A 30 11.80 2.89 9.90
N VAL A 31 11.26 1.74 10.31
CA VAL A 31 10.07 1.69 11.14
C VAL A 31 10.29 0.69 12.26
N ASN A 32 9.54 0.87 13.35
CA ASN A 32 9.47 -0.08 14.46
C ASN A 32 10.86 -0.63 14.80
N SER A 33 11.80 0.28 15.06
CA SER A 33 13.18 -0.07 15.39
C SER A 33 13.74 0.96 16.35
N ARG A 34 14.76 0.54 17.12
CA ARG A 34 15.64 1.46 17.83
C ARG A 34 16.47 2.25 16.83
N SER A 35 16.00 3.43 16.42
CA SER A 35 16.70 4.19 15.40
C SER A 35 16.31 5.66 15.47
N LYS A 36 17.32 6.54 15.33
CA LYS A 36 17.09 7.96 15.08
C LYS A 36 16.32 8.24 13.81
N ARG A 37 16.31 7.31 12.86
CA ARG A 37 15.63 7.51 11.58
C ARG A 37 14.24 6.92 11.58
N LYS A 38 13.78 6.38 12.70
CA LYS A 38 12.45 5.78 12.77
C LYS A 38 11.38 6.84 12.45
N VAL A 39 10.40 6.45 11.65
CA VAL A 39 9.21 7.25 11.36
C VAL A 39 7.98 6.38 11.61
N PRO A 40 6.83 6.99 11.89
CA PRO A 40 5.59 6.19 11.97
C PRO A 40 5.24 5.52 10.64
N LEU A 41 4.49 4.42 10.74
CA LEU A 41 4.09 3.66 9.54
C LEU A 41 3.40 4.54 8.51
N LYS A 42 2.51 5.46 8.95
CA LYS A 42 1.85 6.29 7.94
C LYS A 42 2.86 7.16 7.21
N THR A 43 3.85 7.68 7.92
CA THR A 43 4.87 8.50 7.26
C THR A 43 5.67 7.66 6.27
N ALA A 44 6.04 6.44 6.68
CA ALA A 44 6.73 5.54 5.76
C ALA A 44 5.86 5.21 4.55
N ALA A 45 4.56 5.00 4.78
CA ALA A 45 3.67 4.70 3.66
C ALA A 45 3.68 5.82 2.63
N GLU A 46 3.76 7.07 3.08
CA GLU A 46 3.78 8.18 2.13
C GLU A 46 5.07 8.21 1.33
N LEU A 47 6.21 8.02 1.98
CA LEU A 47 7.47 8.00 1.25
C LEU A 47 7.50 6.84 0.27
N ILE A 48 6.98 5.68 0.69
CA ILE A 48 7.00 4.51 -0.18
C ILE A 48 6.16 4.74 -1.43
N GLU A 49 5.07 5.49 -1.29
CA GLU A 49 4.19 5.74 -2.43
C GLU A 49 4.84 6.72 -3.41
N MET A 50 5.57 7.72 -2.91
CA MET A 50 6.15 8.70 -3.80
CA MET A 50 6.17 8.74 -3.77
C MET A 50 7.53 8.33 -4.33
N ALA A 51 8.17 7.28 -3.78
CA ALA A 51 9.53 6.95 -4.20
C ALA A 51 9.59 6.54 -5.67
N GLU A 52 10.64 6.96 -6.36
CA GLU A 52 10.86 6.60 -7.74
C GLU A 52 12.03 5.63 -7.94
N ILE A 53 12.69 5.21 -6.86
CA ILE A 53 13.63 4.09 -6.87
C ILE A 53 13.16 3.05 -5.84
N PRO A 54 13.70 1.84 -5.84
CA PRO A 54 13.32 0.87 -4.79
C PRO A 54 13.55 1.46 -3.41
N ILE A 55 12.57 1.33 -2.54
CA ILE A 55 12.70 1.84 -1.18
C ILE A 55 12.41 0.71 -0.20
N TYR A 56 13.39 0.35 0.61
CA TYR A 56 13.24 -0.73 1.56
C TYR A 56 12.51 -0.27 2.82
N LEU A 57 11.55 -1.06 3.26
CA LEU A 57 11.00 -0.93 4.62
C LEU A 57 11.97 -1.61 5.55
N VAL A 58 12.71 -0.82 6.35
CA VAL A 58 13.83 -1.32 7.14
C VAL A 58 13.39 -1.47 8.59
N SER A 59 13.63 -2.64 9.18
CA SER A 59 13.20 -2.82 10.56
C SER A 59 13.91 -3.97 11.24
N THR A 60 13.95 -3.88 12.57
CA THR A 60 14.42 -4.96 13.42
C THR A 60 13.29 -5.80 13.96
N MET A 61 12.05 -5.57 13.50
CA MET A 61 10.93 -6.42 13.86
C MET A 61 11.32 -7.89 13.76
N LYS A 62 10.85 -8.68 14.73
CA LYS A 62 11.31 -10.06 14.91
C LYS A 62 10.32 -11.10 14.41
N THR A 63 9.03 -10.79 14.34
CA THR A 63 8.00 -11.80 14.13
C THR A 63 7.21 -11.55 12.87
N PHE A 64 6.66 -12.63 12.31
CA PHE A 64 5.86 -12.51 11.09
C PHE A 64 4.69 -11.55 11.26
N PRO A 65 3.89 -11.60 12.32
CA PRO A 65 2.71 -10.71 12.36
C PRO A 65 3.07 -9.24 12.37
N GLU A 66 4.16 -8.88 13.06
CA GLU A 66 4.67 -7.51 13.00
C GLU A 66 5.00 -7.10 11.57
N TRP A 67 5.77 -7.92 10.87
CA TRP A 67 6.12 -7.59 9.49
C TRP A 67 4.89 -7.53 8.60
N ALA A 68 3.99 -8.51 8.75
CA ALA A 68 2.80 -8.54 7.91
C ALA A 68 1.96 -7.29 8.08
N ASN A 69 1.76 -6.86 9.33
CA ASN A 69 1.03 -5.63 9.56
C ASN A 69 1.71 -4.44 8.89
N ALA A 70 3.04 -4.35 9.00
CA ALA A 70 3.72 -3.19 8.44
C ALA A 70 3.69 -3.20 6.92
N VAL A 71 3.75 -4.40 6.32
CA VAL A 71 3.65 -4.48 4.85
C VAL A 71 2.24 -4.11 4.39
N GLU A 72 1.21 -4.58 5.08
CA GLU A 72 -0.15 -4.21 4.72
C GLU A 72 -0.36 -2.70 4.81
N LYS A 73 0.16 -2.07 5.87
CA LYS A 73 -0.11 -0.65 6.09
C LYS A 73 0.68 0.24 5.12
N THR A 74 1.90 -0.17 4.75
CA THR A 74 2.78 0.69 3.96
C THR A 74 2.77 0.38 2.46
N GLY A 75 2.33 -0.80 2.05
CA GLY A 75 2.48 -1.14 0.67
C GLY A 75 3.89 -1.45 0.23
N ALA A 76 4.81 -1.72 1.16
CA ALA A 76 6.20 -1.94 0.80
C ALA A 76 6.34 -3.09 -0.18
N GLU A 77 7.22 -2.91 -1.16
CA GLU A 77 7.62 -3.90 -2.14
C GLU A 77 8.94 -4.57 -1.77
N TYR A 78 9.76 -3.85 -1.01
CA TYR A 78 11.09 -4.26 -0.57
C TYR A 78 11.15 -4.17 0.95
N ILE A 79 11.75 -5.17 1.60
CA ILE A 79 11.94 -5.10 3.03
C ILE A 79 13.38 -5.46 3.36
N GLN A 80 13.90 -4.83 4.41
CA GLN A 80 15.24 -5.12 4.91
C GLN A 80 15.06 -5.66 6.32
N VAL A 81 15.36 -6.93 6.49
CA VAL A 81 15.15 -7.62 7.76
C VAL A 81 16.45 -7.55 8.55
N HIS A 82 16.46 -6.70 9.58
CA HIS A 82 17.59 -6.49 10.49
C HIS A 82 17.42 -7.29 11.77
N SER A 83 17.05 -8.55 11.64
CA SER A 83 16.79 -9.41 12.78
C SER A 83 17.00 -10.85 12.32
N ASP A 84 16.98 -11.77 13.28
CA ASP A 84 17.17 -13.19 13.00
C ASP A 84 15.83 -13.91 12.97
N MET A 85 14.83 -13.30 12.36
CA MET A 85 13.58 -13.98 12.06
C MET A 85 13.85 -15.19 11.17
N HIS A 86 13.06 -16.24 11.37
CA HIS A 86 13.35 -17.52 10.74
C HIS A 86 13.24 -17.44 9.21
N PRO A 87 14.10 -18.15 8.47
CA PRO A 87 13.95 -18.17 7.00
C PRO A 87 12.56 -18.58 6.55
N LYS A 88 11.91 -19.45 7.33
CA LYS A 88 10.55 -19.84 7.01
C LYS A 88 9.60 -18.65 7.09
N ALA A 89 9.76 -17.82 8.14
CA ALA A 89 8.96 -16.61 8.24
C ALA A 89 9.33 -15.60 7.15
N VAL A 90 10.63 -15.48 6.83
CA VAL A 90 11.03 -14.66 5.69
C VAL A 90 10.34 -15.12 4.42
N ASN A 91 10.28 -16.43 4.18
CA ASN A 91 9.65 -16.95 2.98
C ASN A 91 8.14 -16.70 2.99
N ARG A 92 7.49 -16.79 4.16
CA ARG A 92 6.07 -16.51 4.22
C ARG A 92 5.77 -15.11 3.73
N LEU A 93 6.63 -14.13 4.06
CA LEU A 93 6.40 -12.76 3.62
C LEU A 93 6.50 -12.64 2.10
N LYS A 94 7.48 -13.29 1.48
CA LYS A 94 7.63 -13.20 0.03
C LYS A 94 6.44 -13.81 -0.69
N ASP A 95 5.92 -14.94 -0.19
CA ASP A 95 4.81 -15.59 -0.89
C ASP A 95 3.48 -14.91 -0.63
N GLU A 96 3.23 -14.50 0.62
CA GLU A 96 1.94 -13.97 0.99
C GLU A 96 1.80 -12.47 0.74
N TYR A 97 2.92 -11.75 0.63
CA TYR A 97 2.87 -10.34 0.33
C TYR A 97 3.68 -9.93 -0.88
N GLY A 98 4.49 -10.83 -1.45
CA GLY A 98 5.18 -10.52 -2.68
C GLY A 98 6.25 -9.46 -2.50
N VAL A 99 7.02 -9.54 -1.42
CA VAL A 99 8.08 -8.57 -1.17
C VAL A 99 9.43 -9.18 -1.55
N SER A 100 10.36 -8.31 -1.96
CA SER A 100 11.75 -8.69 -2.14
C SER A 100 12.48 -8.41 -0.83
N VAL A 101 13.44 -9.28 -0.48
CA VAL A 101 14.05 -9.21 0.85
C VAL A 101 15.54 -8.97 0.73
N MET A 102 16.03 -8.01 1.51
CA MET A 102 17.45 -7.89 1.83
C MET A 102 17.61 -8.26 3.30
N LYS A 103 18.42 -9.27 3.58
CA LYS A 103 18.63 -9.70 4.96
C LYS A 103 19.95 -9.12 5.46
N ALA A 104 19.92 -8.50 6.63
CA ALA A 104 21.12 -7.96 7.26
C ALA A 104 21.70 -8.95 8.27
N PHE A 105 23.02 -9.13 8.21
CA PHE A 105 23.74 -10.02 9.12
C PHE A 105 24.82 -9.23 9.85
N MET A 106 24.90 -9.42 11.16
CA MET A 106 26.03 -8.88 11.90
C MET A 106 27.28 -9.70 11.59
N VAL A 107 28.42 -9.02 11.51
CA VAL A 107 29.68 -9.72 11.27
C VAL A 107 30.20 -10.24 12.61
N PRO A 108 30.24 -11.57 12.81
CA PRO A 108 30.66 -12.09 14.11
C PRO A 108 32.11 -11.78 14.42
N ARG A 109 32.41 -11.67 15.71
CA ARG A 109 33.77 -11.47 16.20
C ARG A 109 34.12 -12.53 17.25
N GLU A 110 33.88 -13.79 16.90
CA GLU A 110 34.07 -14.90 17.83
C GLU A 110 35.45 -15.54 17.75
N SER A 111 36.29 -15.11 16.81
CA SER A 111 37.63 -15.66 16.65
C SER A 111 38.59 -14.54 16.28
N ASP A 112 39.87 -14.75 16.60
CA ASP A 112 40.89 -13.84 16.11
C ASP A 112 41.22 -14.09 14.65
N ASP A 113 40.92 -15.30 14.15
CA ASP A 113 41.10 -15.61 12.73
C ASP A 113 39.84 -15.24 11.97
N PRO A 114 39.90 -14.30 11.02
CA PRO A 114 38.68 -13.95 10.26
C PRO A 114 38.11 -15.11 9.47
N ALA A 115 38.95 -16.07 9.08
CA ALA A 115 38.47 -17.21 8.30
C ALA A 115 37.46 -18.05 9.07
N GLU A 116 37.59 -18.10 10.40
CA GLU A 116 36.66 -18.92 11.17
C GLU A 116 35.34 -18.18 11.40
N ASP A 117 35.41 -16.88 11.67
CA ASP A 117 34.19 -16.08 11.69
C ASP A 117 33.51 -16.09 10.33
N ALA A 118 34.30 -16.09 9.25
CA ALA A 118 33.73 -16.17 7.91
C ALA A 118 32.99 -17.50 7.69
N GLU A 119 33.57 -18.62 8.15
CA GLU A 119 32.90 -19.91 7.99
C GLU A 119 31.56 -19.94 8.71
N ARG A 120 31.53 -19.44 9.93
CA ARG A 120 30.28 -19.37 10.68
C ARG A 120 29.26 -18.49 9.96
N LEU A 121 29.72 -17.39 9.37
CA LEU A 121 28.76 -16.46 8.75
C LEU A 121 28.16 -17.08 7.49
N LEU A 122 28.96 -17.82 6.71
CA LEU A 122 28.45 -18.43 5.49
C LEU A 122 27.39 -19.47 5.79
N GLU A 123 27.53 -20.20 6.88
CA GLU A 123 26.53 -21.22 7.17
C GLU A 123 25.19 -20.60 7.56
N LEU A 124 25.22 -19.45 8.26
CA LEU A 124 23.97 -18.76 8.57
C LEU A 124 23.34 -18.20 7.30
N ILE A 125 24.14 -17.63 6.40
CA ILE A 125 23.63 -17.02 5.19
C ILE A 125 22.96 -18.06 4.29
N GLY A 126 23.57 -19.24 4.19
CA GLY A 126 23.00 -20.30 3.36
C GLY A 126 21.60 -20.73 3.75
N GLN A 127 21.19 -20.44 4.99
CA GLN A 127 19.86 -20.83 5.47
C GLN A 127 18.74 -20.01 4.86
N TYR A 128 19.04 -18.87 4.23
CA TYR A 128 18.03 -17.95 3.74
C TYR A 128 17.97 -17.97 2.21
N GLU A 129 16.78 -17.66 1.70
CA GLU A 129 16.56 -17.42 0.27
C GLU A 129 16.10 -15.97 0.15
N VAL A 130 17.02 -15.07 -0.20
CA VAL A 130 16.71 -13.64 -0.25
C VAL A 130 17.35 -13.04 -1.50
N ASP A 131 16.80 -11.89 -1.90
CA ASP A 131 17.35 -11.19 -3.06
C ASP A 131 18.75 -10.69 -2.78
N LYS A 132 19.00 -10.19 -1.56
CA LYS A 132 20.24 -9.48 -1.28
C LYS A 132 20.71 -9.77 0.13
N ILE A 133 22.03 -9.78 0.29
CA ILE A 133 22.70 -10.01 1.57
C ILE A 133 23.40 -8.73 1.96
N LEU A 134 23.05 -8.19 3.14
CA LEU A 134 23.76 -7.04 3.69
C LEU A 134 24.61 -7.48 4.86
N LEU A 135 25.87 -7.05 4.87
CA LEU A 135 26.80 -7.33 5.96
C LEU A 135 27.00 -6.04 6.76
N ASP A 136 26.56 -6.05 8.01
CA ASP A 136 26.61 -4.87 8.88
C ASP A 136 27.87 -4.94 9.73
N THR A 137 28.88 -4.13 9.39
CA THR A 137 30.16 -4.14 10.08
C THR A 137 30.15 -3.25 11.32
N GLY A 138 31.03 -3.57 12.28
CA GLY A 138 31.06 -2.91 13.57
C GLY A 138 32.10 -1.80 13.67
N VAL A 139 32.39 -1.40 14.92
CA VAL A 139 33.22 -0.23 15.17
C VAL A 139 34.51 -0.60 15.91
N GLY A 140 35.30 0.41 16.29
CA GLY A 140 36.48 0.14 17.08
C GLY A 140 37.54 -0.64 16.31
N SER A 141 38.47 -1.21 17.08
CA SER A 141 39.62 -1.90 16.48
C SER A 141 39.20 -3.16 15.72
N GLY A 142 38.08 -3.78 16.10
CA GLY A 142 37.59 -4.97 15.42
C GLY A 142 37.10 -4.73 14.01
N ARG A 143 37.02 -3.47 13.58
CA ARG A 143 36.48 -3.18 12.26
C ARG A 143 37.35 -3.75 11.15
N ARG A 144 38.67 -3.71 11.32
CA ARG A 144 39.56 -4.32 10.34
C ARG A 144 39.31 -5.82 10.22
N HIS A 145 39.09 -6.47 11.37
CA HIS A 145 38.71 -7.88 11.37
C HIS A 145 37.41 -8.09 10.62
N ASP A 146 36.45 -7.18 10.79
CA ASP A 146 35.17 -7.31 10.11
C ASP A 146 35.33 -7.23 8.60
N TYR A 147 36.20 -6.34 8.11
CA TYR A 147 36.47 -6.27 6.68
C TYR A 147 37.08 -7.59 6.16
N ARG A 148 37.98 -8.19 6.94
CA ARG A 148 38.60 -9.44 6.48
C ARG A 148 37.57 -10.55 6.36
N VAL A 149 36.63 -10.61 7.32
CA VAL A 149 35.54 -11.59 7.21
C VAL A 149 34.70 -11.29 5.99
N SER A 150 34.31 -10.02 5.80
CA SER A 150 33.40 -9.67 4.73
C SER A 150 34.03 -9.94 3.38
N ALA A 151 35.34 -9.73 3.26
CA ALA A 151 36.01 -9.97 1.98
C ALA A 151 35.90 -11.43 1.58
N ILE A 152 35.92 -12.35 2.54
CA ILE A 152 35.74 -13.76 2.21
C ILE A 152 34.30 -14.02 1.77
N ILE A 153 33.32 -13.44 2.47
CA ILE A 153 31.91 -13.63 2.11
C ILE A 153 31.65 -13.08 0.71
N ALA A 154 32.28 -11.96 0.35
CA ALA A 154 31.97 -11.28 -0.90
C ALA A 154 32.38 -12.07 -2.11
N LYS A 155 33.25 -13.08 -1.94
CA LYS A 155 33.62 -13.94 -3.07
C LYS A 155 32.51 -14.92 -3.42
N GLU A 156 31.66 -15.27 -2.45
CA GLU A 156 30.58 -16.24 -2.63
C GLU A 156 29.23 -15.62 -2.93
N TYR A 157 28.98 -14.40 -2.47
CA TYR A 157 27.73 -13.72 -2.71
C TYR A 157 28.01 -12.28 -3.10
N PRO A 158 27.13 -11.65 -3.95
CA PRO A 158 27.23 -10.21 -4.25
C PRO A 158 26.66 -9.39 -3.09
N ILE A 159 27.47 -9.24 -2.05
CA ILE A 159 26.95 -8.69 -0.79
C ILE A 159 26.91 -7.17 -0.86
N VAL A 160 26.08 -6.59 0.01
CA VAL A 160 26.03 -5.15 0.23
C VAL A 160 26.76 -4.87 1.54
N LEU A 161 27.84 -4.08 1.47
CA LEU A 161 28.62 -3.75 2.65
C LEU A 161 28.03 -2.53 3.35
N ALA A 162 27.87 -2.61 4.67
CA ALA A 162 27.25 -1.53 5.43
C ALA A 162 27.97 -1.36 6.76
N GLY A 163 27.64 -0.27 7.45
CA GLY A 163 28.16 -0.03 8.77
C GLY A 163 29.25 1.01 8.84
N GLY A 164 28.88 2.22 9.28
CA GLY A 164 29.85 3.28 9.51
C GLY A 164 30.60 3.78 8.30
N LEU A 165 30.07 3.60 7.09
CA LEU A 165 30.74 4.10 5.89
C LEU A 165 30.57 5.61 5.77
N THR A 166 31.60 6.28 5.30
CA THR A 166 31.66 7.72 5.20
C THR A 166 32.41 8.06 3.92
N PRO A 167 32.30 9.31 3.44
CA PRO A 167 33.11 9.70 2.26
C PRO A 167 34.59 9.46 2.46
N GLU A 168 35.08 9.57 3.69
CA GLU A 168 36.51 9.45 3.96
C GLU A 168 36.99 8.01 4.06
N ASN A 169 36.14 7.05 4.44
CA ASN A 169 36.62 5.70 4.64
C ASN A 169 36.06 4.68 3.65
N VAL A 170 35.12 5.06 2.79
CA VAL A 170 34.47 4.06 1.94
C VAL A 170 35.43 3.53 0.88
N GLY A 171 36.40 4.33 0.42
CA GLY A 171 37.32 3.86 -0.60
C GLY A 171 38.15 2.69 -0.12
N GLU A 172 38.62 2.77 1.12
CA GLU A 172 39.37 1.65 1.69
C GLU A 172 38.47 0.45 1.89
N ALA A 173 37.24 0.67 2.38
CA ALA A 173 36.31 -0.44 2.56
C ALA A 173 36.02 -1.16 1.25
N ILE A 174 35.88 -0.40 0.16
CA ILE A 174 35.54 -1.03 -1.11
C ILE A 174 36.71 -1.86 -1.64
N ARG A 175 37.90 -1.27 -1.72
CA ARG A 175 38.96 -2.06 -2.33
C ARG A 175 39.49 -3.16 -1.40
N TRP A 176 39.14 -3.10 -0.12
CA TRP A 176 39.46 -4.19 0.81
C TRP A 176 38.45 -5.33 0.70
N VAL A 177 37.16 -5.00 0.72
CA VAL A 177 36.13 -6.04 0.74
C VAL A 177 35.67 -6.43 -0.67
N LYS A 178 35.75 -5.49 -1.62
CA LYS A 178 35.23 -5.66 -2.98
C LYS A 178 33.78 -6.16 -2.99
N PRO A 179 32.87 -5.42 -2.38
CA PRO A 179 31.46 -5.81 -2.37
C PRO A 179 30.79 -5.45 -3.69
N ALA A 180 29.62 -6.05 -3.90
CA ALA A 180 28.77 -5.67 -5.02
C ALA A 180 27.99 -4.40 -4.75
N GLY A 181 27.81 -4.03 -3.48
CA GLY A 181 27.06 -2.85 -3.15
C GLY A 181 27.55 -2.25 -1.85
N VAL A 182 27.15 -1.01 -1.61
CA VAL A 182 27.44 -0.34 -0.35
C VAL A 182 26.16 0.32 0.12
N ASP A 183 26.03 0.44 1.45
CA ASP A 183 24.90 1.05 2.12
C ASP A 183 25.43 2.09 3.12
N VAL A 184 24.87 3.29 3.11
CA VAL A 184 25.35 4.39 3.94
C VAL A 184 24.15 5.15 4.49
N SER A 185 24.26 5.64 5.72
CA SER A 185 23.21 6.46 6.30
C SER A 185 23.79 7.70 6.95
N SER A 186 24.26 7.60 8.20
CA SER A 186 24.74 8.81 8.87
C SER A 186 25.99 9.39 8.22
N GLY A 187 26.74 8.60 7.46
CA GLY A 187 27.92 9.14 6.77
C GLY A 187 27.64 10.21 5.75
N VAL A 188 26.38 10.36 5.32
CA VAL A 188 26.06 11.42 4.36
C VAL A 188 25.01 12.36 4.94
N GLU A 189 24.95 12.43 6.27
CA GLU A 189 24.08 13.38 6.96
C GLU A 189 24.87 14.57 7.50
N ARG A 190 24.31 15.76 7.33
CA ARG A 190 24.82 16.96 7.98
C ARG A 190 23.78 17.39 8.99
N ASN A 191 24.16 17.38 10.27
CA ASN A 191 23.22 17.64 11.37
C ASN A 191 21.96 16.78 11.23
N GLY A 192 22.17 15.51 10.88
CA GLY A 192 21.07 14.55 10.76
C GLY A 192 20.21 14.65 9.52
N VAL A 193 20.59 15.47 8.55
CA VAL A 193 19.82 15.62 7.33
C VAL A 193 20.64 15.09 6.16
N LYS A 194 20.04 14.25 5.32
CA LYS A 194 20.74 13.85 4.10
C LYS A 194 21.25 15.09 3.37
N ASP A 195 22.53 15.08 3.03
CA ASP A 195 23.25 16.30 2.59
C ASP A 195 23.86 16.10 1.21
N ARG A 196 23.55 17.02 0.29
CA ARG A 196 23.94 16.82 -1.11
C ARG A 196 25.45 16.80 -1.27
N VAL A 197 26.17 17.67 -0.56
CA VAL A 197 27.62 17.72 -0.75
C VAL A 197 28.28 16.47 -0.19
N LEU A 198 27.80 15.96 0.96
CA LEU A 198 28.31 14.69 1.48
C LEU A 198 27.99 13.54 0.55
N ILE A 199 26.78 13.50 -0.01
CA ILE A 199 26.43 12.43 -0.94
C ILE A 199 27.33 12.49 -2.17
N GLU A 200 27.57 13.68 -2.72
CA GLU A 200 28.42 13.76 -3.90
C GLU A 200 29.85 13.32 -3.59
N ALA A 201 30.33 13.64 -2.38
CA ALA A 201 31.68 13.19 -2.01
C ALA A 201 31.74 11.67 -1.90
N PHE A 202 30.67 11.06 -1.34
CA PHE A 202 30.58 9.61 -1.25
C PHE A 202 30.53 8.98 -2.63
N MET A 203 29.67 9.49 -3.50
CA MET A 203 29.49 8.89 -4.82
CA MET A 203 29.49 8.90 -4.82
C MET A 203 30.77 9.00 -5.64
N ALA A 204 31.50 10.11 -5.49
CA ALA A 204 32.75 10.28 -6.21
C ALA A 204 33.70 9.11 -5.93
N VAL A 205 33.79 8.70 -4.67
CA VAL A 205 34.68 7.59 -4.32
C VAL A 205 34.18 6.29 -4.94
N VAL A 206 32.86 6.06 -4.86
CA VAL A 206 32.29 4.82 -5.39
C VAL A 206 32.55 4.71 -6.89
N ARG A 207 32.39 5.83 -7.62
CA ARG A 207 32.58 5.80 -9.07
C ARG A 207 34.04 5.96 -9.48
N ASN A 208 34.89 6.58 -8.67
CA ASN A 208 36.28 6.78 -9.04
C ASN A 208 37.11 5.54 -8.71
N GLY A 209 38.16 5.73 -7.90
CA GLY A 209 39.04 4.64 -7.52
C GLY A 209 40.37 5.13 -6.96
N HIS B 1 -40.79 -4.55 -1.16
CA HIS B 1 -39.83 -4.33 -2.24
C HIS B 1 -38.58 -5.19 -2.05
N MET B 2 -38.19 -5.93 -3.09
CA MET B 2 -37.02 -6.80 -3.04
C MET B 2 -35.81 -6.08 -3.64
N VAL B 3 -34.76 -5.95 -2.85
CA VAL B 3 -33.48 -5.44 -3.33
C VAL B 3 -32.65 -6.62 -3.81
N GLU B 4 -32.05 -6.47 -4.99
CA GLU B 4 -31.32 -7.54 -5.66
C GLU B 4 -29.86 -7.62 -5.27
N PHE B 5 -29.28 -6.53 -4.79
CA PHE B 5 -27.84 -6.34 -4.79
C PHE B 5 -27.44 -5.65 -3.50
N VAL B 6 -26.50 -6.24 -2.78
CA VAL B 6 -25.96 -5.64 -1.55
C VAL B 6 -24.45 -5.56 -1.72
N LYS B 7 -23.91 -4.35 -1.60
CA LYS B 7 -22.46 -4.15 -1.66
C LYS B 7 -22.01 -3.61 -0.32
N ILE B 8 -20.99 -4.22 0.27
CA ILE B 8 -20.38 -3.72 1.50
C ILE B 8 -19.01 -3.19 1.10
N CYS B 9 -18.84 -1.89 1.21
CA CYS B 9 -17.68 -1.21 0.65
C CYS B 9 -16.62 -0.97 1.72
N GLY B 10 -15.38 -0.79 1.26
CA GLY B 10 -14.30 -0.34 2.11
C GLY B 10 -13.59 -1.41 2.92
N VAL B 11 -13.40 -2.61 2.38
CA VAL B 11 -12.59 -3.59 3.10
C VAL B 11 -11.12 -3.20 3.03
N LYS B 12 -10.42 -3.35 4.16
CA LYS B 12 -9.00 -3.02 4.25
C LYS B 12 -8.12 -4.22 4.56
N THR B 13 -8.71 -5.34 5.00
CA THR B 13 -7.91 -6.46 5.44
C THR B 13 -8.49 -7.76 4.89
N MET B 14 -7.65 -8.81 4.89
CA MET B 14 -8.14 -10.14 4.56
C MET B 14 -9.30 -10.53 5.47
N ASP B 15 -9.22 -10.20 6.75
CA ASP B 15 -10.27 -10.59 7.67
C ASP B 15 -11.60 -9.92 7.33
N GLU B 16 -11.58 -8.61 7.04
CA GLU B 16 -12.82 -7.95 6.63
C GLU B 16 -13.35 -8.53 5.33
N LEU B 17 -12.46 -8.80 4.37
CA LEU B 17 -12.90 -9.33 3.08
C LEU B 17 -13.63 -10.67 3.25
N ARG B 18 -13.01 -11.61 3.94
CA ARG B 18 -13.65 -12.92 4.12
C ARG B 18 -14.96 -12.82 4.90
N LEU B 19 -15.04 -11.89 5.85
CA LEU B 19 -16.29 -11.64 6.54
C LEU B 19 -17.37 -11.16 5.59
N VAL B 20 -17.08 -10.11 4.81
CA VAL B 20 -18.12 -9.56 3.94
C VAL B 20 -18.50 -10.55 2.86
N GLU B 21 -17.60 -11.48 2.49
CA GLU B 21 -17.93 -12.41 1.43
C GLU B 21 -19.01 -13.41 1.83
N ARG B 22 -19.31 -13.53 3.12
CA ARG B 22 -20.36 -14.44 3.54
C ARG B 22 -21.75 -13.86 3.34
N TYR B 23 -21.85 -12.56 3.07
CA TYR B 23 -23.11 -11.85 3.07
C TYR B 23 -23.37 -11.06 1.79
N ALA B 24 -22.37 -10.36 1.26
CA ALA B 24 -22.60 -9.36 0.23
C ALA B 24 -22.49 -9.94 -1.17
N ASP B 25 -23.19 -9.32 -2.12
CA ASP B 25 -23.04 -9.67 -3.52
C ASP B 25 -21.74 -9.12 -4.11
N ALA B 26 -21.22 -8.03 -3.55
CA ALA B 26 -20.01 -7.40 -4.04
C ALA B 26 -19.40 -6.62 -2.89
N THR B 27 -18.12 -6.28 -3.03
CA THR B 27 -17.43 -5.45 -2.06
C THR B 27 -16.55 -4.46 -2.80
N GLY B 28 -15.72 -3.75 -2.07
CA GLY B 28 -14.93 -2.69 -2.68
C GLY B 28 -13.74 -2.34 -1.82
N VAL B 29 -12.65 -1.97 -2.48
CA VAL B 29 -11.44 -1.54 -1.80
C VAL B 29 -11.06 -0.16 -2.33
N VAL B 30 -10.79 0.77 -1.42
CA VAL B 30 -10.62 2.18 -1.76
C VAL B 30 -9.13 2.49 -1.94
N VAL B 31 -8.79 3.12 -3.06
CA VAL B 31 -7.42 3.58 -3.31
C VAL B 31 -7.45 5.03 -3.77
N ASN B 32 -6.32 5.71 -3.57
CA ASN B 32 -6.07 7.05 -4.11
C ASN B 32 -7.30 7.96 -3.97
N SER B 33 -7.81 8.05 -2.74
CA SER B 33 -8.97 8.88 -2.44
C SER B 33 -8.81 9.47 -1.05
N ARG B 34 -9.58 10.53 -0.79
CA ARG B 34 -9.78 11.03 0.57
C ARG B 34 -10.69 10.07 1.32
N SER B 35 -10.13 9.10 2.04
CA SER B 35 -10.95 8.07 2.68
C SER B 35 -10.21 7.47 3.86
N LYS B 36 -10.93 7.26 4.96
CA LYS B 36 -10.40 6.47 6.07
C LYS B 36 -10.19 5.01 5.67
N ARG B 37 -10.74 4.57 4.55
CA ARG B 37 -10.60 3.19 4.11
C ARG B 37 -9.55 3.03 3.02
N LYS B 38 -8.77 4.08 2.73
CA LYS B 38 -7.76 4.00 1.69
C LYS B 38 -6.68 3.00 2.10
N VAL B 39 -6.23 2.21 1.14
CA VAL B 39 -5.10 1.29 1.30
C VAL B 39 -4.17 1.49 0.11
N PRO B 40 -2.89 1.12 0.26
CA PRO B 40 -1.97 1.20 -0.89
C PRO B 40 -2.41 0.27 -2.02
N LEU B 41 -2.00 0.61 -3.24
CA LEU B 41 -2.35 -0.24 -4.38
C LEU B 41 -1.90 -1.68 -4.19
N LYS B 42 -0.71 -1.88 -3.63
CA LYS B 42 -0.24 -3.24 -3.45
C LYS B 42 -1.14 -4.02 -2.51
N THR B 43 -1.58 -3.36 -1.44
CA THR B 43 -2.52 -3.97 -0.51
C THR B 43 -3.85 -4.25 -1.19
N ALA B 44 -4.35 -3.28 -1.98
CA ALA B 44 -5.56 -3.52 -2.76
C ALA B 44 -5.37 -4.67 -3.75
N ALA B 45 -4.18 -4.76 -4.34
CA ALA B 45 -3.94 -5.84 -5.31
C ALA B 45 -4.03 -7.21 -4.64
N GLU B 46 -3.60 -7.32 -3.37
CA GLU B 46 -3.71 -8.62 -2.70
C GLU B 46 -5.15 -8.98 -2.45
N LEU B 47 -5.97 -8.01 -2.00
CA LEU B 47 -7.37 -8.29 -1.75
C LEU B 47 -8.09 -8.65 -3.03
N ILE B 48 -7.79 -7.96 -4.14
CA ILE B 48 -8.45 -8.26 -5.40
C ILE B 48 -8.10 -9.66 -5.87
N GLU B 49 -6.85 -10.08 -5.66
CA GLU B 49 -6.44 -11.44 -6.04
C GLU B 49 -7.19 -12.50 -5.22
N MET B 50 -7.35 -12.27 -3.91
CA MET B 50 -7.92 -13.29 -3.03
CA MET B 50 -7.93 -13.28 -3.02
C MET B 50 -9.45 -13.26 -2.98
N ALA B 51 -10.09 -12.22 -3.52
CA ALA B 51 -11.55 -12.08 -3.43
C ALA B 51 -12.29 -13.21 -4.17
N GLU B 52 -13.43 -13.60 -3.61
CA GLU B 52 -14.30 -14.61 -4.21
C GLU B 52 -15.66 -14.07 -4.62
N ILE B 53 -15.91 -12.77 -4.43
CA ILE B 53 -17.06 -12.09 -5.00
C ILE B 53 -16.51 -10.90 -5.80
N PRO B 54 -17.31 -10.25 -6.64
CA PRO B 54 -16.82 -9.03 -7.29
C PRO B 54 -16.33 -8.01 -6.28
N ILE B 55 -15.15 -7.45 -6.54
CA ILE B 55 -14.56 -6.45 -5.67
C ILE B 55 -14.21 -5.24 -6.51
N TYR B 56 -14.87 -4.11 -6.23
CA TYR B 56 -14.64 -2.88 -6.97
C TYR B 56 -13.41 -2.14 -6.48
N LEU B 57 -12.59 -1.69 -7.42
CA LEU B 57 -11.52 -0.75 -7.10
C LEU B 57 -12.15 0.63 -7.05
N VAL B 58 -12.27 1.20 -5.85
CA VAL B 58 -13.11 2.37 -5.62
C VAL B 58 -12.20 3.59 -5.49
N SER B 59 -12.46 4.64 -6.27
CA SER B 59 -11.56 5.77 -6.14
C SER B 59 -12.21 7.03 -6.67
N THR B 60 -11.68 8.17 -6.21
CA THR B 60 -12.05 9.50 -6.69
C THR B 60 -11.08 10.00 -7.76
N MET B 61 -10.14 9.16 -8.21
CA MET B 61 -9.21 9.54 -9.27
C MET B 61 -9.97 10.17 -10.43
N LYS B 62 -9.39 11.24 -10.98
CA LYS B 62 -10.11 12.05 -11.94
C LYS B 62 -9.71 11.81 -13.39
N THR B 63 -8.54 11.22 -13.65
CA THR B 63 -8.00 11.21 -15.00
C THR B 63 -7.77 9.77 -15.47
N PHE B 64 -7.75 9.61 -16.79
CA PHE B 64 -7.51 8.29 -17.37
C PHE B 64 -6.17 7.70 -16.96
N PRO B 65 -5.04 8.41 -17.01
CA PRO B 65 -3.76 7.74 -16.68
C PRO B 65 -3.69 7.25 -15.26
N GLU B 66 -4.28 7.98 -14.31
CA GLU B 66 -4.35 7.50 -12.93
C GLU B 66 -5.09 6.19 -12.86
N TRP B 67 -6.24 6.11 -13.53
CA TRP B 67 -7.04 4.88 -13.48
C TRP B 67 -6.33 3.75 -14.18
N ALA B 68 -5.72 4.04 -15.33
CA ALA B 68 -5.02 3.00 -16.07
C ALA B 68 -3.89 2.39 -15.25
N ASN B 69 -3.11 3.24 -14.59
CA ASN B 69 -2.05 2.74 -13.72
C ASN B 69 -2.61 1.87 -12.60
N ALA B 70 -3.70 2.32 -11.96
CA ALA B 70 -4.23 1.55 -10.84
C ALA B 70 -4.79 0.22 -11.30
N VAL B 71 -5.39 0.19 -12.49
CA VAL B 71 -5.92 -1.07 -13.01
C VAL B 71 -4.78 -2.01 -13.35
N GLU B 72 -3.73 -1.49 -14.01
CA GLU B 72 -2.57 -2.34 -14.34
C GLU B 72 -1.93 -2.93 -13.09
N LYS B 73 -1.78 -2.11 -12.04
CA LYS B 73 -1.10 -2.54 -10.82
C LYS B 73 -1.93 -3.53 -10.01
N THR B 74 -3.26 -3.38 -10.00
CA THR B 74 -4.10 -4.18 -9.12
C THR B 74 -4.77 -5.37 -9.81
N GLY B 75 -4.90 -5.34 -11.12
CA GLY B 75 -5.65 -6.36 -11.81
C GLY B 75 -7.13 -6.27 -11.62
N ALA B 76 -7.63 -5.09 -11.25
CA ALA B 76 -9.05 -4.95 -10.98
C ALA B 76 -9.86 -5.28 -12.22
N GLU B 77 -10.94 -6.03 -12.02
CA GLU B 77 -11.94 -6.28 -13.05
C GLU B 77 -13.17 -5.40 -12.90
N TYR B 78 -13.38 -4.80 -11.72
CA TYR B 78 -14.49 -3.90 -11.45
C TYR B 78 -13.94 -2.60 -10.89
N ILE B 79 -14.46 -1.47 -11.39
CA ILE B 79 -14.06 -0.18 -10.85
C ILE B 79 -15.31 0.62 -10.51
N GLN B 80 -15.22 1.38 -9.41
CA GLN B 80 -16.26 2.31 -8.99
C GLN B 80 -15.70 3.71 -9.14
N VAL B 81 -16.27 4.47 -10.06
CA VAL B 81 -15.75 5.78 -10.43
C VAL B 81 -16.55 6.81 -9.65
N HIS B 82 -15.88 7.40 -8.66
CA HIS B 82 -16.45 8.31 -7.69
C HIS B 82 -15.92 9.70 -8.01
N SER B 83 -16.07 10.10 -9.27
CA SER B 83 -15.61 11.39 -9.76
C SER B 83 -16.35 11.66 -11.07
N ASP B 84 -16.20 12.88 -11.57
CA ASP B 84 -16.85 13.27 -12.82
C ASP B 84 -15.93 13.07 -14.02
N MET B 85 -15.21 11.95 -14.07
CA MET B 85 -14.41 11.64 -15.24
C MET B 85 -15.31 11.51 -16.45
N HIS B 86 -14.81 11.98 -17.60
CA HIS B 86 -15.63 12.08 -18.80
C HIS B 86 -16.07 10.69 -19.27
N PRO B 87 -17.30 10.55 -19.78
CA PRO B 87 -17.74 9.23 -20.26
C PRO B 87 -16.82 8.62 -21.30
N LYS B 88 -16.18 9.45 -22.13
CA LYS B 88 -15.25 8.90 -23.11
C LYS B 88 -14.06 8.25 -22.43
N ALA B 89 -13.61 8.82 -21.32
CA ALA B 89 -12.49 8.23 -20.59
C ALA B 89 -12.91 6.95 -19.87
N VAL B 90 -14.17 6.89 -19.42
CA VAL B 90 -14.70 5.65 -18.86
C VAL B 90 -14.73 4.55 -19.91
N ASN B 91 -15.22 4.87 -21.11
CA ASN B 91 -15.27 3.87 -22.17
C ASN B 91 -13.88 3.38 -22.54
N ARG B 92 -12.89 4.28 -22.50
CA ARG B 92 -11.51 3.87 -22.77
C ARG B 92 -11.03 2.84 -21.75
N LEU B 93 -11.36 3.06 -20.47
CA LEU B 93 -11.01 2.06 -19.46
C LEU B 93 -11.64 0.72 -19.77
N LYS B 94 -12.89 0.73 -20.23
CA LYS B 94 -13.62 -0.51 -20.48
C LYS B 94 -13.05 -1.26 -21.67
N ASP B 95 -12.74 -0.56 -22.77
CA ASP B 95 -12.21 -1.22 -23.95
C ASP B 95 -10.77 -1.66 -23.74
N GLU B 96 -9.93 -0.79 -23.19
CA GLU B 96 -8.50 -1.05 -23.17
C GLU B 96 -8.10 -1.90 -21.99
N TYR B 97 -8.89 -1.90 -20.93
CA TYR B 97 -8.57 -2.70 -19.77
C TYR B 97 -9.63 -3.73 -19.43
N GLY B 98 -10.82 -3.66 -20.01
CA GLY B 98 -11.78 -4.72 -19.81
C GLY B 98 -12.44 -4.71 -18.45
N VAL B 99 -12.69 -3.52 -17.90
CA VAL B 99 -13.32 -3.41 -16.57
C VAL B 99 -14.80 -3.17 -16.72
N SER B 100 -15.55 -3.63 -15.72
CA SER B 100 -16.94 -3.27 -15.51
C SER B 100 -16.99 -2.06 -14.59
N VAL B 101 -17.87 -1.09 -14.88
CA VAL B 101 -17.84 0.20 -14.21
C VAL B 101 -19.13 0.46 -13.44
N MET B 102 -19.00 0.82 -12.17
CA MET B 102 -20.09 1.40 -11.39
C MET B 102 -19.76 2.89 -11.22
N LYS B 103 -20.60 3.75 -11.77
CA LYS B 103 -20.39 5.20 -11.70
C LYS B 103 -21.20 5.77 -10.55
N ALA B 104 -20.54 6.51 -9.65
CA ALA B 104 -21.19 7.12 -8.51
C ALA B 104 -21.58 8.57 -8.80
N PHE B 105 -22.77 8.98 -8.37
CA PHE B 105 -23.26 10.34 -8.53
C PHE B 105 -23.65 10.91 -7.18
N MET B 106 -23.25 12.15 -6.91
CA MET B 106 -23.79 12.86 -5.77
C MET B 106 -25.21 13.33 -6.09
N VAL B 107 -26.10 13.20 -5.12
CA VAL B 107 -27.48 13.65 -5.30
C VAL B 107 -27.50 15.17 -5.20
N PRO B 108 -27.85 15.89 -6.27
CA PRO B 108 -27.80 17.36 -6.22
C PRO B 108 -28.80 17.94 -5.23
N ARG B 109 -28.45 19.11 -4.69
CA ARG B 109 -29.33 19.87 -3.79
C ARG B 109 -29.37 21.33 -4.26
N GLU B 110 -29.78 21.53 -5.50
CA GLU B 110 -29.85 22.86 -6.08
C GLU B 110 -31.23 23.48 -5.96
N SER B 111 -32.26 22.71 -5.62
CA SER B 111 -33.63 23.20 -5.67
C SER B 111 -34.43 22.64 -4.52
N ASP B 112 -35.42 23.42 -4.07
CA ASP B 112 -36.36 22.90 -3.08
C ASP B 112 -37.26 21.82 -3.67
N ASP B 113 -37.41 21.79 -4.99
CA ASP B 113 -38.23 20.80 -5.64
C ASP B 113 -37.36 19.59 -6.00
N PRO B 114 -37.58 18.43 -5.39
CA PRO B 114 -36.79 17.25 -5.77
C PRO B 114 -36.91 16.89 -7.24
N ALA B 115 -38.07 17.16 -7.85
CA ALA B 115 -38.23 16.87 -9.28
C ALA B 115 -37.24 17.66 -10.13
N GLU B 116 -36.84 18.85 -9.65
CA GLU B 116 -35.89 19.65 -10.43
C GLU B 116 -34.49 19.07 -10.34
N ASP B 117 -34.05 18.75 -9.12
CA ASP B 117 -32.75 18.10 -8.94
C ASP B 117 -32.70 16.74 -9.64
N ALA B 118 -33.82 16.00 -9.62
CA ALA B 118 -33.83 14.71 -10.28
C ALA B 118 -33.73 14.86 -11.80
N GLU B 119 -34.39 15.87 -12.37
CA GLU B 119 -34.29 16.08 -13.82
C GLU B 119 -32.85 16.34 -14.24
N ARG B 120 -32.13 17.17 -13.50
CA ARG B 120 -30.71 17.39 -13.76
C ARG B 120 -29.91 16.11 -13.65
N LEU B 121 -30.13 15.36 -12.57
CA LEU B 121 -29.34 14.17 -12.34
C LEU B 121 -29.58 13.12 -13.42
N LEU B 122 -30.83 12.99 -13.88
CA LEU B 122 -31.09 12.10 -15.01
C LEU B 122 -30.31 12.52 -16.24
N GLU B 123 -30.13 13.83 -16.42
CA GLU B 123 -29.41 14.31 -17.59
C GLU B 123 -27.95 13.90 -17.52
N LEU B 124 -27.32 14.09 -16.35
CA LEU B 124 -25.94 13.68 -16.16
C LEU B 124 -25.78 12.17 -16.34
N ILE B 125 -26.69 11.38 -15.76
CA ILE B 125 -26.62 9.93 -15.85
C ILE B 125 -26.66 9.47 -17.31
N GLY B 126 -27.51 10.12 -18.13
CA GLY B 126 -27.69 9.71 -19.50
C GLY B 126 -26.43 9.75 -20.35
N GLN B 127 -25.44 10.55 -19.96
CA GLN B 127 -24.22 10.67 -20.74
C GLN B 127 -23.27 9.49 -20.60
N TYR B 128 -23.42 8.66 -19.58
CA TYR B 128 -22.51 7.57 -19.32
C TYR B 128 -23.07 6.25 -19.82
N GLU B 129 -22.16 5.33 -20.15
CA GLU B 129 -22.47 3.94 -20.45
C GLU B 129 -21.76 3.11 -19.41
N VAL B 130 -22.50 2.61 -18.42
CA VAL B 130 -21.92 1.90 -17.28
C VAL B 130 -22.74 0.67 -16.95
N ASP B 131 -22.10 -0.29 -16.26
CA ASP B 131 -22.82 -1.44 -15.76
C ASP B 131 -23.81 -1.03 -14.68
N LYS B 132 -23.38 -0.20 -13.73
CA LYS B 132 -24.24 0.14 -12.60
C LYS B 132 -24.13 1.64 -12.29
N ILE B 133 -25.24 2.17 -11.76
CA ILE B 133 -25.35 3.55 -11.30
C ILE B 133 -25.51 3.53 -9.78
N LEU B 134 -24.63 4.26 -9.08
CA LEU B 134 -24.70 4.40 -7.64
C LEU B 134 -25.07 5.85 -7.30
N LEU B 135 -26.06 6.03 -6.43
CA LEU B 135 -26.45 7.34 -5.97
C LEU B 135 -26.00 7.52 -4.53
N ASP B 136 -25.15 8.53 -4.30
CA ASP B 136 -24.56 8.82 -2.99
C ASP B 136 -25.38 9.89 -2.30
N THR B 137 -26.17 9.49 -1.30
CA THR B 137 -27.03 10.44 -0.60
C THR B 137 -26.25 11.18 0.49
N GLY B 138 -26.73 12.37 0.83
CA GLY B 138 -26.07 13.23 1.79
C GLY B 138 -26.66 13.11 3.20
N VAL B 139 -26.23 14.05 4.05
CA VAL B 139 -26.59 14.04 5.46
C VAL B 139 -27.41 15.27 5.81
N GLY B 140 -27.71 15.45 7.10
CA GLY B 140 -28.38 16.65 7.55
C GLY B 140 -29.82 16.73 7.06
N SER B 141 -30.34 17.95 7.08
CA SER B 141 -31.76 18.18 6.78
C SER B 141 -32.12 17.87 5.33
N GLY B 142 -31.14 17.80 4.42
CA GLY B 142 -31.44 17.51 3.03
C GLY B 142 -31.53 16.04 2.68
N ARG B 143 -31.38 15.15 3.66
CA ARG B 143 -31.35 13.73 3.34
C ARG B 143 -32.69 13.26 2.77
N ARG B 144 -33.81 13.73 3.35
CA ARG B 144 -35.11 13.34 2.83
C ARG B 144 -35.29 13.82 1.39
N HIS B 145 -34.89 15.06 1.11
CA HIS B 145 -34.82 15.52 -0.27
C HIS B 145 -34.04 14.55 -1.14
N ASP B 146 -32.90 14.05 -0.64
CA ASP B 146 -32.09 13.13 -1.42
C ASP B 146 -32.84 11.85 -1.74
N TYR B 147 -33.61 11.33 -0.77
CA TYR B 147 -34.47 10.18 -1.01
C TYR B 147 -35.49 10.47 -2.10
N ARG B 148 -36.17 11.62 -2.02
CA ARG B 148 -37.18 11.97 -3.03
C ARG B 148 -36.56 12.06 -4.42
N VAL B 149 -35.36 12.63 -4.51
CA VAL B 149 -34.65 12.65 -5.79
C VAL B 149 -34.34 11.23 -6.23
N SER B 150 -33.75 10.44 -5.33
CA SER B 150 -33.33 9.10 -5.70
C SER B 150 -34.52 8.23 -6.07
N ALA B 151 -35.67 8.42 -5.42
CA ALA B 151 -36.85 7.63 -5.77
C ALA B 151 -37.26 7.88 -7.22
N ILE B 152 -37.11 9.11 -7.69
CA ILE B 152 -37.45 9.42 -9.07
C ILE B 152 -36.46 8.74 -10.02
N ILE B 153 -35.18 8.75 -9.67
CA ILE B 153 -34.18 8.07 -10.48
C ILE B 153 -34.43 6.56 -10.49
N ALA B 154 -34.77 6.00 -9.33
CA ALA B 154 -34.92 4.55 -9.22
C ALA B 154 -36.05 4.00 -10.08
N LYS B 155 -37.01 4.83 -10.49
CA LYS B 155 -38.03 4.38 -11.43
C LYS B 155 -37.49 4.31 -12.86
N GLU B 156 -36.52 5.16 -13.20
CA GLU B 156 -35.95 5.21 -14.55
C GLU B 156 -34.85 4.17 -14.76
N TYR B 157 -34.01 3.95 -13.75
CA TYR B 157 -32.82 3.14 -13.81
C TYR B 157 -32.72 2.24 -12.57
N PRO B 158 -32.24 1.01 -12.72
CA PRO B 158 -31.89 0.21 -11.54
C PRO B 158 -30.64 0.78 -10.89
N ILE B 159 -30.80 1.43 -9.73
CA ILE B 159 -29.71 2.15 -9.09
C ILE B 159 -29.28 1.42 -7.82
N VAL B 160 -28.04 1.65 -7.41
CA VAL B 160 -27.55 1.26 -6.10
C VAL B 160 -27.63 2.49 -5.20
N LEU B 161 -28.39 2.40 -4.12
CA LEU B 161 -28.52 3.50 -3.17
C LEU B 161 -27.42 3.43 -2.12
N ALA B 162 -26.72 4.55 -1.92
CA ALA B 162 -25.60 4.56 -0.99
C ALA B 162 -25.64 5.83 -0.15
N GLY B 163 -24.75 5.86 0.84
CA GLY B 163 -24.59 7.04 1.68
C GLY B 163 -25.37 6.98 2.97
N GLY B 164 -24.64 6.91 4.09
CA GLY B 164 -25.27 7.03 5.39
C GLY B 164 -26.17 5.89 5.82
N LEU B 165 -26.13 4.73 5.14
CA LEU B 165 -27.04 3.65 5.50
C LEU B 165 -26.53 2.86 6.70
N THR B 166 -27.47 2.49 7.57
CA THR B 166 -27.22 1.78 8.81
C THR B 166 -28.29 0.70 8.96
N PRO B 167 -28.12 -0.28 9.85
CA PRO B 167 -29.21 -1.25 10.10
C PRO B 167 -30.47 -0.59 10.57
N GLU B 168 -30.36 0.58 11.23
CA GLU B 168 -31.52 1.25 11.79
C GLU B 168 -32.24 2.13 10.79
N ASN B 169 -31.59 2.58 9.71
CA ASN B 169 -32.26 3.47 8.79
C ASN B 169 -32.46 2.88 7.40
N VAL B 170 -31.92 1.68 7.13
CA VAL B 170 -31.93 1.21 5.75
C VAL B 170 -33.32 0.75 5.34
N GLY B 171 -34.15 0.31 6.28
CA GLY B 171 -35.48 -0.14 5.93
C GLY B 171 -36.33 1.00 5.39
N GLU B 172 -36.26 2.15 6.05
CA GLU B 172 -36.92 3.34 5.53
C GLU B 172 -36.38 3.70 4.15
N ALA B 173 -35.05 3.74 4.00
CA ALA B 173 -34.45 4.11 2.71
C ALA B 173 -34.92 3.20 1.58
N ILE B 174 -34.97 1.89 1.84
CA ILE B 174 -35.44 0.94 0.83
C ILE B 174 -36.92 1.14 0.55
N ARG B 175 -37.73 1.27 1.62
CA ARG B 175 -39.16 1.54 1.45
C ARG B 175 -39.40 2.78 0.59
N TRP B 176 -38.58 3.80 0.79
CA TRP B 176 -38.81 5.10 0.17
C TRP B 176 -38.34 5.08 -1.28
N VAL B 177 -37.11 4.65 -1.50
CA VAL B 177 -36.47 4.81 -2.80
C VAL B 177 -36.73 3.60 -3.69
N LYS B 178 -36.94 2.43 -3.10
CA LYS B 178 -37.07 1.16 -3.82
C LYS B 178 -35.96 0.99 -4.87
N PRO B 179 -34.70 0.97 -4.45
CA PRO B 179 -33.60 0.80 -5.39
C PRO B 179 -33.41 -0.67 -5.76
N ALA B 180 -32.57 -0.88 -6.77
CA ALA B 180 -32.18 -2.24 -7.10
C ALA B 180 -31.06 -2.75 -6.22
N GLY B 181 -30.29 -1.86 -5.61
CA GLY B 181 -29.23 -2.29 -4.71
C GLY B 181 -29.04 -1.29 -3.59
N VAL B 182 -28.29 -1.73 -2.57
CA VAL B 182 -27.82 -0.84 -1.51
C VAL B 182 -26.32 -1.04 -1.35
N ASP B 183 -25.66 0.02 -0.87
CA ASP B 183 -24.23 0.04 -0.61
C ASP B 183 -24.01 0.60 0.79
N VAL B 184 -23.21 -0.09 1.61
CA VAL B 184 -23.00 0.29 3.01
C VAL B 184 -21.52 0.16 3.33
N SER B 185 -20.99 1.12 4.10
CA SER B 185 -19.62 1.00 4.59
C SER B 185 -19.59 1.18 6.09
N SER B 186 -19.54 2.43 6.56
CA SER B 186 -19.31 2.64 7.98
C SER B 186 -20.50 2.19 8.83
N GLY B 187 -21.70 2.11 8.24
CA GLY B 187 -22.86 1.65 8.99
C GLY B 187 -22.76 0.22 9.50
N VAL B 188 -21.84 -0.58 8.96
CA VAL B 188 -21.62 -1.93 9.48
C VAL B 188 -20.23 -2.09 10.07
N GLU B 189 -19.64 -1.00 10.55
CA GLU B 189 -18.34 -1.04 11.20
C GLU B 189 -18.49 -0.84 12.71
N ARG B 190 -17.72 -1.60 13.48
CA ARG B 190 -17.66 -1.42 14.91
C ARG B 190 -16.24 -0.98 15.21
N ASN B 191 -16.09 0.26 15.68
CA ASN B 191 -14.78 0.87 15.85
C ASN B 191 -13.95 0.74 14.56
N GLY B 192 -14.60 0.97 13.43
CA GLY B 192 -13.91 1.01 12.16
C GLY B 192 -13.59 -0.33 11.53
N VAL B 193 -14.06 -1.44 12.07
CA VAL B 193 -13.81 -2.74 11.47
CA VAL B 193 -13.81 -2.77 11.52
C VAL B 193 -15.14 -3.36 11.11
N LYS B 194 -15.21 -3.95 9.90
CA LYS B 194 -16.42 -4.63 9.49
C LYS B 194 -16.80 -5.67 10.54
N ASP B 195 -18.07 -5.64 10.95
CA ASP B 195 -18.53 -6.33 12.15
C ASP B 195 -19.66 -7.28 11.82
N ARG B 196 -19.51 -8.54 12.22
CA ARG B 196 -20.47 -9.58 11.83
C ARG B 196 -21.87 -9.28 12.35
N VAL B 197 -21.99 -8.83 13.60
CA VAL B 197 -23.32 -8.57 14.18
C VAL B 197 -24.01 -7.42 13.44
N LEU B 198 -23.28 -6.34 13.17
CA LEU B 198 -23.87 -5.21 12.44
C LEU B 198 -24.26 -5.63 11.03
N ILE B 199 -23.42 -6.43 10.37
CA ILE B 199 -23.77 -6.89 9.03
C ILE B 199 -25.02 -7.76 9.06
N GLU B 200 -25.12 -8.67 10.03
CA GLU B 200 -26.34 -9.49 10.09
C GLU B 200 -27.57 -8.63 10.34
N ALA B 201 -27.44 -7.62 11.19
CA ALA B 201 -28.55 -6.71 11.44
C ALA B 201 -28.99 -6.04 10.14
N PHE B 202 -28.01 -5.54 9.36
CA PHE B 202 -28.28 -4.90 8.08
C PHE B 202 -28.94 -5.87 7.11
N MET B 203 -28.37 -7.07 6.96
CA MET B 203 -28.88 -8.03 5.99
CA MET B 203 -28.88 -8.04 6.00
C MET B 203 -30.31 -8.46 6.32
N ALA B 204 -30.64 -8.57 7.61
CA ALA B 204 -31.98 -8.92 8.03
C ALA B 204 -33.00 -7.95 7.47
N VAL B 205 -32.71 -6.65 7.53
CA VAL B 205 -33.66 -5.66 7.04
C VAL B 205 -33.79 -5.78 5.52
N VAL B 206 -32.67 -5.88 4.82
CA VAL B 206 -32.72 -5.97 3.37
C VAL B 206 -33.51 -7.20 2.93
N ARG B 207 -33.29 -8.33 3.59
CA ARG B 207 -33.98 -9.57 3.22
C ARG B 207 -35.47 -9.52 3.51
N ASN B 208 -35.88 -9.61 4.77
CA ASN B 208 -37.29 -9.61 5.12
C ASN B 208 -37.69 -8.23 5.63
N GLY B 209 -38.63 -7.59 4.94
CA GLY B 209 -39.08 -6.26 5.30
C GLY B 209 -39.97 -6.25 6.53
CL CL C . 13.40 -12.01 -2.07
NA NA D . 2.55 10.75 9.00
CL CL E . -19.19 -1.33 -17.74
NA NA F . -2.88 2.84 -20.94
#